data_6Y0Y
#
_entry.id   6Y0Y
#
_cell.length_a   22.480
_cell.length_b   27.550
_cell.length_c   29.690
_cell.angle_alpha   91.58
_cell.angle_beta   93.61
_cell.angle_gamma   108.31
#
_symmetry.space_group_name_H-M   'P 1'
#
loop_
_entity.id
_entity.type
_entity.pdbx_description
1 polymer 'RNA (27-MER)'
2 non-polymer 'MAGNESIUM ION'
3 non-polymer 'SODIUM ION'
4 water water
#
_entity_poly.entity_id   1
_entity_poly.type   'polyribonucleotide'
_entity_poly.pdbx_seq_one_letter_code
;UGCUCCUAGUACGAGAGGAACGGAGUG
;
_entity_poly.pdbx_strand_id   A
#